data_3U3U
#
_entry.id   3U3U
#
_cell.length_a   69.774
_cell.length_b   69.774
_cell.length_c   85.473
_cell.angle_alpha   90.000
_cell.angle_beta   90.000
_cell.angle_gamma   120.000
#
_symmetry.space_group_name_H-M   'P 31 2 1'
#
loop_
_entity.id
_entity.type
_entity.pdbx_description
1 polymer 'Tablysin 15'
2 non-polymer 'PRASEODYMIUM ION'
3 non-polymer 'CITRIC ACID'
4 non-polymer '(5S,7E,9E,11Z,14Z)-5-hydroxyicosa-7,9,11,14-tetraenoic acid'
5 water water
#
_entity_poly.entity_id   1
_entity_poly.type   'polypeptide(L)'
_entity_poly.pdbx_seq_one_letter_code
;MVNYCRLPCRGDNYHVGCGEPAYAQECGQSPRTRELLKEHRNEILSKINDVRDHVAKGSWGLPVAARMKVVVWDAELAGL
AKRHTKGCVGETHACRNTERFWLPGQLNFKYSGDKLPRIKELIDDAVKKGHLQKHNITREIIENYRENGPNGDVKELALA
ISDRVTAVGCGLTTWEDGAKARALLTCNFSSQNTRGRPVYKIGNSPGEKCIEKDETYKNLCSATEPIDPNKSN
;
_entity_poly.pdbx_strand_id   C
#
# COMPACT_ATOMS: atom_id res chain seq x y z
N VAL A 2 16.04 7.07 11.24
CA VAL A 2 17.47 7.13 10.93
C VAL A 2 17.69 8.34 10.05
N ASN A 3 18.92 8.54 9.57
CA ASN A 3 19.19 9.64 8.64
C ASN A 3 19.10 9.18 7.17
N TYR A 4 18.03 9.60 6.50
CA TYR A 4 17.72 9.12 5.17
C TYR A 4 18.70 9.59 4.13
N CYS A 5 19.39 10.69 4.39
CA CYS A 5 20.41 11.17 3.47
C CYS A 5 21.62 10.24 3.51
N ARG A 6 21.68 9.36 4.49
CA ARG A 6 22.82 8.45 4.58
C ARG A 6 22.43 6.99 4.46
N LEU A 7 21.21 6.74 4.02
CA LEU A 7 20.77 5.39 3.70
C LEU A 7 20.69 5.30 2.19
N PRO A 8 21.68 4.64 1.57
CA PRO A 8 21.71 4.51 0.11
C PRO A 8 20.81 3.40 -0.37
N CYS A 9 20.59 3.37 -1.68
CA CYS A 9 19.73 2.40 -2.33
C CYS A 9 20.35 2.11 -3.68
N ARG A 10 20.11 0.90 -4.21
CA ARG A 10 20.57 0.58 -5.54
C ARG A 10 19.91 1.54 -6.52
N GLY A 11 20.71 2.04 -7.47
CA GLY A 11 20.29 3.06 -8.41
C GLY A 11 20.77 4.43 -7.95
N ASP A 12 21.16 4.50 -6.68
CA ASP A 12 21.63 5.74 -6.06
CA ASP A 12 21.63 5.75 -6.07
C ASP A 12 20.71 6.94 -6.32
N ASN A 13 19.41 6.72 -6.16
CA ASN A 13 18.45 7.79 -6.30
C ASN A 13 18.32 8.50 -4.95
N TYR A 14 17.94 9.76 -4.98
CA TYR A 14 17.78 10.52 -3.75
C TYR A 14 16.68 9.84 -2.95
N HIS A 15 16.73 9.99 -1.64
CA HIS A 15 15.73 9.41 -0.77
C HIS A 15 14.65 10.44 -0.45
N VAL A 16 13.39 10.05 -0.61
CA VAL A 16 12.24 10.95 -0.40
C VAL A 16 12.33 11.57 0.99
N GLY A 17 13.08 10.95 1.88
CA GLY A 17 13.05 11.31 3.28
C GLY A 17 14.18 12.20 3.71
N CYS A 18 15.05 12.55 2.78
CA CYS A 18 16.26 13.32 3.10
C CYS A 18 16.03 14.81 2.91
N GLY A 19 16.53 15.61 3.85
CA GLY A 19 16.40 17.07 3.79
C GLY A 19 15.11 17.56 4.43
N GLU A 20 14.85 18.85 4.30
CA GLU A 20 13.67 19.46 4.89
C GLU A 20 12.47 19.40 3.95
N PRO A 21 11.30 19.06 4.50
CA PRO A 21 10.05 18.98 3.74
C PRO A 21 9.69 20.31 3.07
N ALA A 22 9.44 20.24 1.77
CA ALA A 22 8.96 21.38 0.99
C ALA A 22 7.77 20.96 0.10
N TYR A 23 6.86 21.87 -0.18
CA TYR A 23 5.83 21.60 -1.18
C TYR A 23 6.36 21.85 -2.60
N ALA A 24 6.12 20.91 -3.51
CA ALA A 24 6.52 21.05 -4.91
C ALA A 24 5.82 22.22 -5.60
N GLN A 25 6.49 22.81 -6.59
CA GLN A 25 5.88 23.85 -7.39
C GLN A 25 4.62 23.32 -8.04
N GLU A 26 4.69 22.08 -8.55
CA GLU A 26 3.51 21.43 -9.15
C GLU A 26 2.27 21.48 -8.26
N CYS A 27 2.46 21.70 -6.97
CA CYS A 27 1.34 21.76 -6.02
C CYS A 27 0.57 23.06 -6.13
N GLY A 28 1.04 23.98 -6.96
CA GLY A 28 0.41 25.30 -7.01
C GLY A 28 0.59 26.02 -5.69
N GLN A 29 -0.23 27.03 -5.44
CA GLN A 29 0.05 27.89 -4.32
C GLN A 29 -0.88 27.77 -3.11
N SER A 30 -1.61 26.67 -3.01
CA SER A 30 -2.51 26.44 -1.88
C SER A 30 -2.45 25.01 -1.31
N PRO A 31 -1.27 24.38 -1.38
CA PRO A 31 -1.18 23.00 -0.91
C PRO A 31 -1.32 22.89 0.61
N ARG A 32 -1.97 21.84 1.08
CA ARG A 32 -1.92 21.54 2.49
C ARG A 32 -1.86 20.05 2.76
N THR A 33 -0.81 19.65 3.49
CA THR A 33 -0.66 18.29 3.98
C THR A 33 -1.73 18.05 5.02
N ARG A 34 -2.25 16.82 5.05
CA ARG A 34 -3.45 16.51 5.80
C ARG A 34 -3.18 15.34 6.75
N GLU A 35 -3.38 15.57 8.04
CA GLU A 35 -3.04 14.57 9.04
C GLU A 35 -4.04 13.42 9.01
N LEU A 36 -3.54 12.21 8.73
CA LEU A 36 -4.36 11.02 8.90
C LEU A 36 -4.40 10.66 10.38
N LEU A 37 -5.50 11.03 11.04
CA LEU A 37 -5.71 10.77 12.47
C LEU A 37 -5.98 9.30 12.78
N LYS A 38 -6.16 8.96 14.06
CA LYS A 38 -6.24 7.57 14.49
C LYS A 38 -7.38 6.82 13.79
N GLU A 39 -8.51 7.50 13.62
CA GLU A 39 -9.64 6.87 12.96
C GLU A 39 -9.37 6.59 11.48
N HIS A 40 -8.64 7.47 10.82
CA HIS A 40 -8.25 7.28 9.42
C HIS A 40 -7.32 6.06 9.25
N ARG A 41 -6.38 5.90 10.18
CA ARG A 41 -5.45 4.79 10.15
C ARG A 41 -6.15 3.45 10.41
N ASN A 42 -7.09 3.44 11.36
CA ASN A 42 -7.90 2.26 11.63
C ASN A 42 -8.82 1.87 10.47
N GLU A 43 -9.39 2.85 9.79
CA GLU A 43 -10.30 2.54 8.68
C GLU A 43 -9.54 1.88 7.55
N ILE A 44 -8.42 2.50 7.18
CA ILE A 44 -7.47 1.94 6.22
C ILE A 44 -7.06 0.51 6.59
N LEU A 45 -6.62 0.32 7.84
CA LEU A 45 -6.21 -1.02 8.28
C LEU A 45 -7.37 -1.97 8.18
N SER A 46 -8.55 -1.49 8.52
CA SER A 46 -9.73 -2.34 8.58
C SER A 46 -10.10 -2.87 7.19
N LYS A 47 -10.17 -1.98 6.22
CA LYS A 47 -10.52 -2.36 4.86
C LYS A 47 -9.49 -3.30 4.19
N ILE A 48 -8.22 -3.00 4.40
CA ILE A 48 -7.12 -3.82 3.88
C ILE A 48 -7.12 -5.23 4.52
N ASN A 49 -7.35 -5.29 5.83
CA ASN A 49 -7.49 -6.58 6.50
C ASN A 49 -8.82 -7.32 6.20
N ASP A 50 -9.91 -6.58 6.00
CA ASP A 50 -11.15 -7.23 5.57
C ASP A 50 -10.95 -8.04 4.29
N VAL A 51 -10.33 -7.42 3.28
CA VAL A 51 -10.17 -8.02 1.96
C VAL A 51 -9.14 -9.13 1.96
N ARG A 52 -8.06 -8.95 2.71
CA ARG A 52 -7.10 -10.00 2.94
C ARG A 52 -7.81 -11.22 3.52
N ASP A 53 -8.71 -10.98 4.46
CA ASP A 53 -9.39 -12.11 5.07
C ASP A 53 -10.32 -12.82 4.06
N HIS A 54 -11.05 -12.05 3.26
CA HIS A 54 -11.96 -12.62 2.27
C HIS A 54 -11.19 -13.44 1.23
N VAL A 55 -10.15 -12.83 0.64
CA VAL A 55 -9.35 -13.51 -0.36
C VAL A 55 -8.71 -14.81 0.15
N ALA A 56 -8.07 -14.73 1.33
CA ALA A 56 -7.36 -15.88 1.89
C ALA A 56 -8.33 -17.01 2.16
N LYS A 57 -9.61 -16.67 2.21
CA LYS A 57 -10.67 -17.62 2.50
C LYS A 57 -10.91 -18.52 1.30
N GLY A 58 -10.58 -18.02 0.12
CA GLY A 58 -10.82 -18.72 -1.12
C GLY A 58 -11.92 -18.05 -1.93
N SER A 59 -12.12 -16.77 -1.66
CA SER A 59 -13.20 -16.02 -2.29
C SER A 59 -12.85 -15.67 -3.74
N TRP A 60 -13.89 -15.60 -4.57
CA TRP A 60 -13.74 -15.27 -5.98
C TRP A 60 -12.97 -16.37 -6.69
N GLY A 61 -13.10 -17.60 -6.19
CA GLY A 61 -12.41 -18.73 -6.77
C GLY A 61 -10.91 -18.63 -6.60
N LEU A 62 -10.42 -17.43 -6.31
CA LEU A 62 -9.03 -17.26 -5.96
C LEU A 62 -8.62 -18.32 -4.97
N PRO A 63 -7.39 -18.79 -5.08
CA PRO A 63 -6.97 -19.87 -4.18
C PRO A 63 -6.94 -19.42 -2.72
N VAL A 64 -6.96 -20.40 -1.83
CA VAL A 64 -6.84 -20.19 -0.39
C VAL A 64 -5.42 -19.80 -0.02
N ALA A 65 -5.26 -18.92 0.97
CA ALA A 65 -3.93 -18.45 1.35
C ALA A 65 -3.37 -19.12 2.59
N ALA A 66 -2.19 -19.70 2.45
CA ALA A 66 -1.55 -20.49 3.50
C ALA A 66 -0.99 -19.70 4.69
N ARG A 67 -0.52 -18.47 4.47
CA ARG A 67 0.17 -17.70 5.52
C ARG A 67 0.06 -16.17 5.36
N MET A 68 -1.16 -15.68 5.23
CA MET A 68 -1.41 -14.27 4.98
C MET A 68 -1.67 -13.58 6.30
N LYS A 69 -0.86 -12.58 6.63
CA LYS A 69 -0.82 -12.01 7.96
C LYS A 69 -1.72 -10.78 8.13
N VAL A 70 -2.22 -10.57 9.35
CA VAL A 70 -2.85 -9.30 9.73
C VAL A 70 -1.83 -8.16 9.64
N VAL A 71 -2.23 -7.10 8.95
CA VAL A 71 -1.37 -5.95 8.68
C VAL A 71 -1.47 -4.91 9.81
N VAL A 72 -0.35 -4.26 10.12
CA VAL A 72 -0.34 -3.16 11.08
C VAL A 72 0.06 -1.86 10.40
N TRP A 73 -0.28 -0.74 11.05
CA TRP A 73 0.14 0.57 10.61
C TRP A 73 1.61 0.80 10.91
N ASP A 74 2.35 1.39 9.98
CA ASP A 74 3.74 1.76 10.29
C ASP A 74 3.96 3.25 10.19
N ALA A 75 4.32 3.85 11.31
CA ALA A 75 4.50 5.29 11.38
C ALA A 75 5.63 5.74 10.45
N GLU A 76 6.70 4.96 10.38
CA GLU A 76 7.80 5.31 9.48
C GLU A 76 7.37 5.33 8.01
N LEU A 77 6.75 4.26 7.53
CA LEU A 77 6.23 4.25 6.17
C LEU A 77 5.29 5.42 5.95
N ALA A 78 4.44 5.70 6.93
CA ALA A 78 3.50 6.80 6.86
C ALA A 78 4.17 8.17 6.67
N GLY A 79 5.22 8.43 7.44
CA GLY A 79 5.99 9.64 7.31
C GLY A 79 6.57 9.79 5.90
N LEU A 80 7.07 8.70 5.35
CA LEU A 80 7.67 8.73 4.02
C LEU A 80 6.60 8.94 2.97
N ALA A 81 5.44 8.34 3.20
CA ALA A 81 4.29 8.54 2.36
C ALA A 81 3.86 10.01 2.41
N LYS A 82 3.70 10.53 3.62
CA LYS A 82 3.30 11.92 3.80
C LYS A 82 4.25 12.81 3.02
N ARG A 83 5.53 12.66 3.32
CA ARG A 83 6.58 13.41 2.68
C ARG A 83 6.51 13.33 1.15
N HIS A 84 6.19 12.15 0.65
CA HIS A 84 6.03 11.96 -0.80
C HIS A 84 4.86 12.78 -1.36
N THR A 85 3.74 12.83 -0.64
CA THR A 85 2.57 13.57 -1.13
C THR A 85 2.84 15.06 -1.29
N LYS A 86 3.82 15.57 -0.54
CA LYS A 86 4.21 16.98 -0.62
C LYS A 86 4.82 17.36 -1.97
N GLY A 87 5.14 16.36 -2.78
CA GLY A 87 5.65 16.59 -4.11
C GLY A 87 4.50 16.67 -5.08
N CYS A 88 3.32 16.27 -4.63
CA CYS A 88 2.10 16.37 -5.43
C CYS A 88 2.16 15.58 -6.74
N VAL A 89 3.03 14.59 -6.79
CA VAL A 89 3.21 13.76 -7.98
C VAL A 89 3.19 12.26 -7.61
N GLY A 90 2.42 11.48 -8.36
CA GLY A 90 2.31 10.06 -8.10
C GLY A 90 3.62 9.29 -8.15
N GLU A 91 4.25 9.28 -9.33
CA GLU A 91 5.41 8.43 -9.60
C GLU A 91 6.72 9.21 -9.64
N THR A 92 7.68 8.81 -8.83
CA THR A 92 8.99 9.45 -8.84
C THR A 92 10.03 8.36 -8.86
N HIS A 93 11.31 8.71 -8.93
CA HIS A 93 12.35 7.69 -8.81
C HIS A 93 13.07 7.80 -7.48
N ALA A 94 12.43 8.45 -6.53
CA ALA A 94 12.98 8.60 -5.21
C ALA A 94 13.11 7.24 -4.54
N CYS A 95 14.12 7.10 -3.72
CA CYS A 95 14.23 5.94 -2.89
C CYS A 95 13.38 6.12 -1.64
N ARG A 96 12.84 5.02 -1.13
CA ARG A 96 11.97 5.06 0.04
C ARG A 96 12.19 3.89 1.00
N ASN A 97 13.36 3.24 0.93
CA ASN A 97 13.70 2.16 1.85
C ASN A 97 13.87 2.63 3.29
N THR A 98 13.79 1.68 4.21
CA THR A 98 14.04 1.93 5.62
C THR A 98 14.92 0.80 6.12
N GLU A 99 15.27 0.82 7.40
CA GLU A 99 16.15 -0.22 7.93
C GLU A 99 15.43 -1.54 8.06
N ARG A 100 14.12 -1.46 8.22
CA ARG A 100 13.34 -2.66 8.45
C ARG A 100 12.73 -3.21 7.16
N PHE A 101 12.38 -2.31 6.25
CA PHE A 101 11.63 -2.66 5.06
C PHE A 101 12.45 -2.22 3.84
N TRP A 102 13.24 -3.14 3.30
CA TRP A 102 14.27 -2.80 2.30
C TRP A 102 13.70 -2.37 0.94
N LEU A 103 12.52 -2.84 0.59
CA LEU A 103 11.94 -2.48 -0.68
C LEU A 103 10.41 -2.28 -0.58
N PRO A 104 10.00 -1.19 0.09
CA PRO A 104 8.57 -0.95 0.28
C PRO A 104 7.80 -0.70 -1.03
N GLY A 105 6.66 -1.37 -1.19
CA GLY A 105 5.78 -1.07 -2.30
C GLY A 105 5.10 0.26 -2.01
N GLN A 106 4.44 0.81 -3.01
CA GLN A 106 3.79 2.08 -2.84
C GLN A 106 2.65 2.19 -3.82
N LEU A 107 1.53 2.71 -3.35
CA LEU A 107 0.37 2.94 -4.19
C LEU A 107 0.04 4.41 -4.09
N ASN A 108 -0.48 4.99 -5.16
CA ASN A 108 -0.84 6.40 -5.18
C ASN A 108 -2.24 6.55 -5.75
N PHE A 109 -3.08 7.30 -5.04
CA PHE A 109 -4.43 7.52 -5.49
C PHE A 109 -4.62 9.00 -5.74
N LYS A 110 -4.82 9.36 -7.00
CA LYS A 110 -5.01 10.76 -7.38
C LYS A 110 -6.48 11.10 -7.35
N TYR A 111 -6.81 12.32 -6.94
CA TYR A 111 -8.19 12.77 -7.06
C TYR A 111 -8.22 14.09 -7.76
N SER A 112 -9.25 14.32 -8.54
CA SER A 112 -9.46 15.59 -9.20
C SER A 112 -10.95 15.85 -9.35
N GLY A 113 -11.41 17.02 -8.90
CA GLY A 113 -12.82 17.36 -8.96
C GLY A 113 -13.10 18.80 -8.55
N ASP A 114 -14.29 19.29 -8.88
CA ASP A 114 -14.68 20.65 -8.54
C ASP A 114 -14.63 20.94 -7.04
N LYS A 115 -14.91 19.93 -6.22
CA LYS A 115 -14.89 20.10 -4.78
C LYS A 115 -13.95 19.13 -4.10
N LEU A 116 -13.44 19.53 -2.94
CA LEU A 116 -12.58 18.63 -2.19
C LEU A 116 -13.42 17.83 -1.20
N PRO A 117 -13.41 16.49 -1.33
CA PRO A 117 -14.11 15.65 -0.37
C PRO A 117 -13.33 15.58 0.93
N ARG A 118 -14.03 15.34 2.03
CA ARG A 118 -13.40 15.08 3.31
C ARG A 118 -12.37 13.96 3.22
N ILE A 119 -11.44 13.96 4.17
CA ILE A 119 -10.42 12.92 4.22
C ILE A 119 -11.02 11.51 4.14
N LYS A 120 -12.07 11.24 4.90
CA LYS A 120 -12.71 9.91 4.89
C LYS A 120 -13.23 9.53 3.51
N GLU A 121 -13.66 10.51 2.73
CA GLU A 121 -14.23 10.22 1.43
C GLU A 121 -13.12 9.82 0.47
N LEU A 122 -11.98 10.51 0.59
CA LEU A 122 -10.81 10.18 -0.21
C LEU A 122 -10.35 8.75 0.05
N ILE A 123 -10.29 8.36 1.32
CA ILE A 123 -9.92 6.99 1.69
C ILE A 123 -10.87 5.95 1.12
N ASP A 124 -12.18 6.19 1.25
CA ASP A 124 -13.18 5.30 0.66
C ASP A 124 -13.09 5.22 -0.86
N ASP A 125 -12.71 6.32 -1.50
CA ASP A 125 -12.48 6.31 -2.94
C ASP A 125 -11.36 5.34 -3.29
N ALA A 126 -10.23 5.46 -2.59
CA ALA A 126 -9.10 4.57 -2.80
C ALA A 126 -9.48 3.12 -2.45
N VAL A 127 -10.19 2.93 -1.34
CA VAL A 127 -10.70 1.60 -1.00
C VAL A 127 -11.60 1.04 -2.11
N LYS A 128 -12.52 1.87 -2.58
CA LYS A 128 -13.41 1.50 -3.69
C LYS A 128 -12.62 1.13 -4.95
N LYS A 129 -11.68 1.98 -5.35
CA LYS A 129 -10.86 1.73 -6.53
C LYS A 129 -10.17 0.35 -6.51
N GLY A 130 -9.50 0.02 -5.41
CA GLY A 130 -8.80 -1.24 -5.29
C GLY A 130 -9.74 -2.44 -5.26
N HIS A 131 -10.83 -2.30 -4.52
CA HIS A 131 -11.86 -3.33 -4.40
C HIS A 131 -12.40 -3.71 -5.78
N LEU A 132 -12.51 -2.72 -6.65
CA LEU A 132 -13.09 -2.91 -7.99
C LEU A 132 -12.18 -3.68 -8.96
N GLN A 133 -10.99 -4.04 -8.49
CA GLN A 133 -10.05 -4.78 -9.33
C GLN A 133 -10.22 -6.30 -9.17
N LYS A 134 -11.10 -6.72 -8.26
CA LYS A 134 -11.39 -8.14 -8.10
C LYS A 134 -12.01 -8.67 -9.39
N HIS A 135 -12.50 -7.74 -10.21
CA HIS A 135 -13.05 -8.04 -11.53
C HIS A 135 -11.94 -8.11 -12.57
N ASN A 136 -10.69 -8.02 -12.10
CA ASN A 136 -9.53 -8.01 -12.98
C ASN A 136 -8.46 -9.00 -12.54
N ILE A 137 -8.37 -9.23 -11.25
CA ILE A 137 -7.35 -10.12 -10.70
C ILE A 137 -7.69 -11.62 -10.87
N THR A 138 -6.86 -12.35 -11.61
CA THR A 138 -7.07 -13.79 -11.83
C THR A 138 -6.15 -14.61 -10.93
N ARG A 139 -6.48 -15.89 -10.73
CA ARG A 139 -5.61 -16.79 -9.98
C ARG A 139 -4.28 -16.93 -10.70
N GLU A 140 -4.30 -16.68 -12.01
CA GLU A 140 -3.09 -16.66 -12.81
C GLU A 140 -2.16 -15.56 -12.32
N ILE A 141 -2.70 -14.35 -12.20
CA ILE A 141 -1.96 -13.24 -11.62
C ILE A 141 -1.40 -13.62 -10.25
N ILE A 142 -2.17 -14.39 -9.50
CA ILE A 142 -1.78 -14.73 -8.13
C ILE A 142 -0.64 -15.74 -8.10
N GLU A 143 -0.59 -16.58 -9.11
CA GLU A 143 0.46 -17.59 -9.20
C GLU A 143 1.72 -16.94 -9.71
N ASN A 144 1.53 -15.95 -10.58
CA ASN A 144 2.65 -15.39 -11.31
C ASN A 144 2.42 -13.89 -11.54
N TYR A 145 2.74 -13.08 -10.53
CA TYR A 145 2.42 -11.67 -10.61
C TYR A 145 2.91 -11.01 -11.90
N ARG A 146 1.96 -10.50 -12.67
CA ARG A 146 2.22 -9.52 -13.71
C ARG A 146 1.29 -8.36 -13.42
N GLU A 147 1.78 -7.14 -13.63
CA GLU A 147 1.05 -5.94 -13.25
C GLU A 147 0.26 -5.42 -14.45
N ASN A 148 0.91 -5.48 -15.60
CA ASN A 148 0.24 -5.44 -16.89
C ASN A 148 0.80 -6.62 -17.66
N GLY A 149 -0.07 -7.53 -18.10
CA GLY A 149 -1.50 -7.36 -17.97
C GLY A 149 -1.97 -6.56 -19.17
N PRO A 150 -3.28 -6.37 -19.32
CA PRO A 150 -4.35 -6.97 -18.54
C PRO A 150 -5.39 -7.60 -19.48
N ASN A 151 -6.62 -7.10 -19.68
CA ASN A 151 -7.20 -5.88 -19.10
C ASN A 151 -8.12 -6.18 -17.90
N GLY A 152 -8.00 -5.45 -16.80
CA GLY A 152 -7.09 -4.31 -16.65
C GLY A 152 -6.26 -4.26 -15.36
N ASP A 153 -6.24 -3.09 -14.73
CA ASP A 153 -5.38 -2.81 -13.58
C ASP A 153 -5.60 -3.68 -12.34
N VAL A 154 -4.50 -4.15 -11.74
CA VAL A 154 -4.59 -4.98 -10.54
C VAL A 154 -3.58 -4.60 -9.44
N LYS A 155 -2.66 -3.69 -9.75
CA LYS A 155 -1.57 -3.36 -8.84
C LYS A 155 -2.02 -3.03 -7.43
N GLU A 156 -3.06 -2.21 -7.31
CA GLU A 156 -3.51 -1.75 -6.00
C GLU A 156 -4.01 -2.91 -5.16
N LEU A 157 -4.94 -3.69 -5.71
CA LEU A 157 -5.52 -4.79 -4.97
C LEU A 157 -4.51 -5.90 -4.74
N ALA A 158 -3.67 -6.17 -5.75
CA ALA A 158 -2.69 -7.24 -5.65
C ALA A 158 -1.65 -6.91 -4.58
N LEU A 159 -1.41 -5.62 -4.34
CA LEU A 159 -0.47 -5.26 -3.29
C LEU A 159 -1.07 -5.42 -1.90
N ALA A 160 -2.34 -5.05 -1.76
CA ALA A 160 -3.07 -5.24 -0.49
C ALA A 160 -3.17 -6.71 -0.08
N ILE A 161 -3.18 -7.63 -1.02
CA ILE A 161 -3.25 -9.04 -0.67
C ILE A 161 -1.95 -9.84 -0.81
N SER A 162 -0.81 -9.15 -0.78
CA SER A 162 0.46 -9.87 -0.81
C SER A 162 0.69 -10.47 0.55
N ASP A 163 1.09 -11.73 0.59
CA ASP A 163 1.37 -12.36 1.88
C ASP A 163 2.77 -12.06 2.40
N ARG A 164 3.57 -11.30 1.65
CA ARG A 164 4.84 -10.79 2.14
C ARG A 164 4.62 -9.47 2.87
N VAL A 165 3.49 -8.83 2.60
CA VAL A 165 3.18 -7.54 3.21
C VAL A 165 2.79 -7.74 4.68
N THR A 166 3.32 -6.89 5.54
CA THR A 166 3.14 -7.01 6.98
C THR A 166 2.74 -5.68 7.62
N ALA A 167 2.92 -4.59 6.89
CA ALA A 167 2.69 -3.25 7.43
C ALA A 167 2.42 -2.22 6.34
N VAL A 168 1.58 -1.23 6.66
CA VAL A 168 1.27 -0.14 5.74
C VAL A 168 1.37 1.21 6.43
N GLY A 169 1.58 2.27 5.66
CA GLY A 169 1.60 3.61 6.20
C GLY A 169 1.30 4.63 5.12
N CYS A 170 0.23 5.40 5.28
CA CYS A 170 -0.17 6.36 4.27
C CYS A 170 -0.05 7.82 4.69
N GLY A 171 -0.07 8.69 3.68
CA GLY A 171 0.03 10.13 3.82
C GLY A 171 -0.86 10.82 2.80
N LEU A 172 -1.17 12.08 3.05
CA LEU A 172 -2.14 12.78 2.22
C LEU A 172 -1.84 14.27 2.07
N THR A 173 -1.80 14.73 0.83
CA THR A 173 -1.70 16.15 0.57
C THR A 173 -2.81 16.58 -0.40
N THR A 174 -3.46 17.70 -0.10
CA THR A 174 -4.48 18.22 -1.00
C THR A 174 -4.12 19.62 -1.45
N TRP A 175 -4.54 19.99 -2.66
CA TRP A 175 -4.21 21.30 -3.17
C TRP A 175 -5.19 21.73 -4.24
N GLU A 176 -4.80 22.77 -4.96
CA GLU A 176 -5.63 23.38 -5.99
C GLU A 176 -4.82 23.73 -7.19
N ASP A 177 -5.28 23.30 -8.36
CA ASP A 177 -4.63 23.67 -9.61
C ASP A 177 -5.55 23.27 -10.75
N GLY A 178 -5.40 23.95 -11.88
CA GLY A 178 -6.21 23.70 -13.04
C GLY A 178 -7.68 23.83 -12.76
N ALA A 179 -8.03 24.76 -11.87
CA ALA A 179 -9.43 25.03 -11.53
C ALA A 179 -10.11 23.84 -10.86
N LYS A 180 -9.34 22.94 -10.27
CA LYS A 180 -9.88 21.76 -9.64
C LYS A 180 -9.28 21.56 -8.28
N ALA A 181 -10.06 20.96 -7.40
CA ALA A 181 -9.58 20.51 -6.11
C ALA A 181 -8.83 19.21 -6.37
N ARG A 182 -7.64 19.07 -5.79
CA ARG A 182 -6.85 17.87 -6.06
C ARG A 182 -6.30 17.23 -4.79
N ALA A 183 -6.10 15.92 -4.84
CA ALA A 183 -5.54 15.21 -3.69
C ALA A 183 -4.66 14.07 -4.13
N LEU A 184 -3.56 13.86 -3.42
CA LEU A 184 -2.71 12.71 -3.63
C LEU A 184 -2.67 11.91 -2.33
N LEU A 185 -3.18 10.68 -2.37
CA LEU A 185 -3.14 9.76 -1.23
C LEU A 185 -2.14 8.63 -1.47
N THR A 186 -1.07 8.60 -0.69
CA THR A 186 0.00 7.63 -0.90
C THR A 186 0.13 6.60 0.23
N CYS A 187 0.07 5.32 -0.12
CA CYS A 187 0.31 4.27 0.85
C CYS A 187 1.60 3.48 0.59
N ASN A 188 2.54 3.57 1.52
CA ASN A 188 3.72 2.73 1.47
C ASN A 188 3.41 1.41 2.19
N PHE A 189 3.93 0.32 1.65
CA PHE A 189 3.74 -0.99 2.25
C PHE A 189 5.10 -1.61 2.56
N SER A 190 5.12 -2.53 3.53
CA SER A 190 6.38 -3.04 4.05
C SER A 190 7.14 -3.86 3.02
N SER A 191 6.41 -4.28 1.99
CA SER A 191 6.94 -5.16 0.96
C SER A 191 6.26 -4.82 -0.37
N GLN A 192 6.57 -5.57 -1.41
CA GLN A 192 6.08 -5.27 -2.76
C GLN A 192 5.86 -6.60 -3.49
N ASN A 193 5.03 -6.62 -4.52
CA ASN A 193 4.91 -7.84 -5.31
C ASN A 193 6.08 -7.96 -6.27
N THR A 194 6.60 -9.16 -6.44
CA THR A 194 7.70 -9.37 -7.38
C THR A 194 7.21 -9.96 -8.69
N ARG A 195 7.50 -9.24 -9.77
CA ARG A 195 7.08 -9.64 -11.11
C ARG A 195 7.57 -11.05 -11.45
N GLY A 196 6.63 -11.95 -11.74
CA GLY A 196 6.96 -13.32 -12.08
C GLY A 196 6.72 -14.29 -10.94
N ARG A 197 6.50 -13.73 -9.75
CA ARG A 197 6.38 -14.51 -8.52
C ARG A 197 4.95 -14.43 -8.02
N PRO A 198 4.55 -15.40 -7.19
CA PRO A 198 3.21 -15.46 -6.58
C PRO A 198 2.94 -14.29 -5.66
N VAL A 199 1.76 -13.70 -5.77
CA VAL A 199 1.28 -12.68 -4.85
C VAL A 199 1.22 -13.23 -3.43
N TYR A 200 0.63 -14.42 -3.29
CA TYR A 200 0.66 -15.14 -2.01
C TYR A 200 0.72 -16.65 -2.21
N LYS A 201 1.15 -17.37 -1.18
CA LYS A 201 1.30 -18.81 -1.35
C LYS A 201 0.00 -19.55 -1.06
N ILE A 202 -0.32 -20.48 -1.96
CA ILE A 202 -1.56 -21.24 -1.91
C ILE A 202 -1.53 -22.29 -0.81
N GLY A 203 -2.71 -22.63 -0.30
CA GLY A 203 -2.84 -23.72 0.65
C GLY A 203 -4.15 -24.47 0.47
N ASN A 204 -4.41 -25.44 1.34
CA ASN A 204 -5.67 -26.18 1.30
C ASN A 204 -6.67 -25.63 2.29
N SER A 205 -6.16 -25.27 3.46
CA SER A 205 -6.94 -24.60 4.50
C SER A 205 -6.35 -23.21 4.68
N PRO A 206 -7.21 -22.20 4.91
CA PRO A 206 -6.73 -20.83 5.13
C PRO A 206 -5.84 -20.72 6.36
N GLY A 207 -4.63 -20.21 6.20
CA GLY A 207 -3.74 -20.01 7.33
C GLY A 207 -3.17 -21.31 7.88
N GLU A 208 -3.33 -22.39 7.12
CA GLU A 208 -2.78 -23.69 7.51
C GLU A 208 -1.29 -23.60 7.83
N LYS A 209 -0.64 -22.51 7.43
CA LYS A 209 0.79 -22.37 7.71
C LYS A 209 1.14 -21.26 8.70
N CYS A 210 0.14 -20.62 9.30
CA CYS A 210 0.42 -19.67 10.38
C CYS A 210 0.85 -20.39 11.65
N ILE A 211 1.83 -19.86 12.36
CA ILE A 211 2.08 -20.34 13.70
C ILE A 211 0.76 -20.18 14.41
N GLU A 212 0.22 -18.98 14.33
CA GLU A 212 -1.00 -18.62 15.05
C GLU A 212 -1.95 -17.83 14.19
N LYS A 213 -3.15 -18.37 14.00
CA LYS A 213 -4.17 -17.66 13.27
C LYS A 213 -4.75 -16.59 14.18
N ASP A 214 -5.14 -15.46 13.59
CA ASP A 214 -5.72 -14.35 14.33
C ASP A 214 -7.12 -14.72 14.79
N GLU A 215 -7.59 -14.07 15.85
CA GLU A 215 -8.91 -14.34 16.40
C GLU A 215 -10.01 -13.45 15.83
N THR A 216 -9.65 -12.37 15.15
CA THR A 216 -10.65 -11.53 14.51
C THR A 216 -10.73 -11.82 13.00
N TYR A 217 -9.57 -11.84 12.34
CA TYR A 217 -9.50 -12.21 10.93
C TYR A 217 -9.10 -13.68 10.81
N LYS A 218 -10.09 -14.54 11.03
CA LYS A 218 -9.87 -15.96 11.27
C LYS A 218 -9.05 -16.67 10.21
N ASN A 219 -8.99 -16.09 9.02
CA ASN A 219 -8.22 -16.70 7.94
C ASN A 219 -6.82 -16.15 7.77
N LEU A 220 -6.37 -15.34 8.73
CA LEU A 220 -5.05 -14.73 8.67
C LEU A 220 -4.23 -15.08 9.89
N CYS A 221 -2.91 -15.02 9.76
CA CYS A 221 -1.99 -15.15 10.88
C CYS A 221 -2.11 -13.92 11.78
N SER A 222 -1.84 -14.10 13.06
CA SER A 222 -1.92 -12.98 14.00
C SER A 222 -0.82 -11.96 13.74
N ALA A 223 -0.86 -10.87 14.51
CA ALA A 223 0.05 -9.75 14.34
C ALA A 223 1.50 -10.13 14.59
N THR A 224 1.72 -11.22 15.33
CA THR A 224 3.06 -11.64 15.72
C THR A 224 3.68 -12.68 14.78
N GLU A 225 3.02 -12.95 13.65
CA GLU A 225 3.56 -13.93 12.72
C GLU A 225 4.90 -13.43 12.22
N PRO A 226 5.94 -14.27 12.33
CA PRO A 226 7.29 -13.82 11.96
C PRO A 226 7.52 -13.85 10.45
N ILE A 227 6.67 -13.16 9.70
CA ILE A 227 6.85 -13.05 8.26
C ILE A 227 7.98 -12.11 7.95
N ASP A 228 8.88 -12.52 7.08
CA ASP A 228 9.94 -11.63 6.61
C ASP A 228 9.41 -10.76 5.45
N PRO A 229 9.32 -9.45 5.64
CA PRO A 229 8.80 -8.65 4.54
C PRO A 229 9.86 -8.40 3.47
N ASN A 230 11.10 -8.73 3.76
CA ASN A 230 12.24 -8.53 2.85
C ASN A 230 12.58 -9.73 1.97
N LYS A 231 11.85 -10.83 2.16
CA LYS A 231 11.89 -11.97 1.24
C LYS A 231 10.66 -11.98 0.34
N SER A 232 10.85 -12.37 -0.92
CA SER A 232 9.76 -12.49 -1.88
C SER A 232 9.23 -13.92 -1.90
N ASN A 233 8.17 -14.17 -2.64
CA ASN A 233 7.64 -15.54 -2.77
C ASN A 233 8.40 -16.36 -3.82
#